data_1JPF
#
_entry.id   1JPF
#
_cell.length_a   56.166
_cell.length_b   56.166
_cell.length_c   277.954
_cell.angle_alpha   90.00
_cell.angle_beta   90.00
_cell.angle_gamma   90.00
#
_symmetry.space_group_name_H-M   'P 43 21 2'
#
loop_
_entity.id
_entity.type
_entity.pdbx_description
1 polymer 'H-2 CLASS I HISTOCOMPATIBILITY ANTIGEN, D-B ALPHA CHAIN'
2 polymer BETA-2-MICROGLOBULIN
3 polymer 'LCMV peptidic epitope gp276'
4 water water
#
loop_
_entity_poly.entity_id
_entity_poly.type
_entity_poly.pdbx_seq_one_letter_code
_entity_poly.pdbx_strand_id
1 'polypeptide(L)'
;MGPHSMRYFETAVSRPGLEEPRYISVGYVDNKEFVRFDSDAENPRYEPRAPWMEQEGPEYWERETQKAKGQEQWFRVSLR
NLLGYYNQSAGGSHTLQQMSGCDLGSDWRLLRGYLQFAYEGRDYIALNEDLKTWTAADMAAQITRRKWEQSGAAEHYKAY
LEGECVEWLHRYLKNGNATLLRTDSPKAHVTHHPRSKGEVTLRCWALGFYPADITLTWQLNGEELTQDMELVETRPAGDG
TFQKWASVVVPLGKEQNYTCRVYHEGLPEPLTLRWEPPPST
;
A
2 'polypeptide(L)'
;MIQKTPQIQVYSRHPPENGKPNILNCYVTQFHPPHIEIQMLKNGKKIPKVEMSDMSFSKDWSFYILAHTEFTPTETDTYA
CRVKHDSMAEPKTVYWDRDM
;
B
3 'polypeptide(L)' SGVENPGGYCL C
#
# COMPACT_ATOMS: atom_id res chain seq x y z
N PRO A 3 -14.40 -8.75 -10.53
CA PRO A 3 -13.97 -7.39 -10.92
C PRO A 3 -12.44 -7.36 -11.12
N HIS A 4 -11.93 -6.34 -11.79
CA HIS A 4 -10.50 -6.24 -12.00
C HIS A 4 -10.11 -4.80 -12.14
N SER A 5 -8.83 -4.50 -11.98
CA SER A 5 -8.41 -3.13 -12.11
C SER A 5 -6.95 -2.96 -12.41
N MET A 6 -6.62 -1.74 -12.85
CA MET A 6 -5.23 -1.37 -13.09
C MET A 6 -5.10 0.06 -12.59
N ARG A 7 -3.98 0.35 -11.94
CA ARG A 7 -3.70 1.67 -11.41
C ARG A 7 -2.22 1.96 -11.51
N TYR A 8 -1.90 3.23 -11.71
CA TYR A 8 -0.53 3.70 -11.75
C TYR A 8 -0.52 4.80 -10.68
N PHE A 9 0.35 4.64 -9.70
CA PHE A 9 0.49 5.57 -8.58
C PHE A 9 1.83 6.23 -8.78
N GLU A 10 1.81 7.56 -8.94
CA GLU A 10 3.04 8.31 -9.17
C GLU A 10 3.27 9.36 -8.11
N THR A 11 4.54 9.53 -7.78
CA THR A 11 4.97 10.49 -6.77
C THR A 11 6.21 11.24 -7.27
N ALA A 12 6.20 12.55 -7.08
CA ALA A 12 7.32 13.41 -7.44
C ALA A 12 7.57 14.18 -6.17
N VAL A 13 8.81 14.20 -5.70
CA VAL A 13 9.13 14.92 -4.48
C VAL A 13 10.24 15.94 -4.74
N SER A 14 9.96 17.21 -4.39
CA SER A 14 10.90 18.31 -4.55
C SER A 14 12.01 18.18 -3.51
N ARG A 15 13.25 18.34 -3.95
CA ARG A 15 14.38 18.24 -3.05
C ARG A 15 15.05 19.58 -2.84
N PRO A 16 15.18 20.02 -1.58
CA PRO A 16 15.83 21.31 -1.35
C PRO A 16 17.28 21.24 -1.82
N GLY A 17 17.64 22.15 -2.72
CA GLY A 17 18.99 22.18 -3.24
C GLY A 17 19.17 21.35 -4.48
N LEU A 18 18.07 20.97 -5.12
CA LEU A 18 18.15 20.16 -6.32
C LEU A 18 17.01 20.53 -7.27
N GLU A 19 17.30 20.55 -8.57
CA GLU A 19 16.34 20.91 -9.62
C GLU A 19 15.34 19.82 -10.04
N GLU A 20 15.85 18.61 -10.25
CA GLU A 20 14.98 17.51 -10.66
C GLU A 20 14.40 16.86 -9.43
N PRO A 21 13.08 16.64 -9.40
CA PRO A 21 12.48 16.01 -8.22
C PRO A 21 12.70 14.50 -8.26
N ARG A 22 12.47 13.83 -7.13
CA ARG A 22 12.56 12.38 -7.07
C ARG A 22 11.21 11.90 -7.62
N TYR A 23 11.21 11.12 -8.70
CA TYR A 23 9.96 10.63 -9.29
C TYR A 23 9.86 9.11 -9.24
N ILE A 24 8.75 8.63 -8.69
CA ILE A 24 8.51 7.19 -8.58
C ILE A 24 7.11 6.84 -9.08
N SER A 25 7.05 5.83 -9.95
CA SER A 25 5.81 5.33 -10.52
C SER A 25 5.70 3.82 -10.33
N VAL A 26 4.55 3.38 -9.83
CA VAL A 26 4.32 1.96 -9.60
C VAL A 26 2.99 1.60 -10.25
N GLY A 27 2.99 0.52 -11.00
CA GLY A 27 1.78 0.07 -11.64
C GLY A 27 1.23 -1.12 -10.88
N TYR A 28 -0.08 -1.23 -10.84
CA TYR A 28 -0.76 -2.34 -10.16
C TYR A 28 -1.86 -2.94 -11.01
N VAL A 29 -2.02 -4.25 -10.90
CA VAL A 29 -3.11 -4.96 -11.57
C VAL A 29 -3.75 -5.70 -10.41
N ASP A 30 -5.05 -5.51 -10.21
CA ASP A 30 -5.76 -6.14 -9.10
C ASP A 30 -5.00 -5.94 -7.79
N ASN A 31 -4.52 -4.72 -7.58
CA ASN A 31 -3.78 -4.34 -6.37
C ASN A 31 -2.43 -5.01 -6.18
N LYS A 32 -1.90 -5.65 -7.21
CA LYS A 32 -0.60 -6.30 -7.09
C LYS A 32 0.42 -5.53 -7.94
N GLU A 33 1.53 -5.15 -7.32
CA GLU A 33 2.57 -4.39 -8.01
C GLU A 33 3.12 -5.19 -9.20
N PHE A 34 3.18 -4.59 -10.39
CA PHE A 34 3.68 -5.38 -11.51
C PHE A 34 4.79 -4.69 -12.29
N VAL A 35 4.91 -3.37 -12.11
CA VAL A 35 5.96 -2.59 -12.75
C VAL A 35 6.35 -1.43 -11.84
N ARG A 36 7.56 -0.95 -12.02
CA ARG A 36 8.05 0.14 -11.19
C ARG A 36 9.16 0.96 -11.85
N PHE A 37 9.14 2.26 -11.63
CA PHE A 37 10.14 3.18 -12.16
C PHE A 37 10.58 4.10 -11.02
N ASP A 38 11.88 4.35 -10.89
CA ASP A 38 12.42 5.22 -9.83
C ASP A 38 13.59 6.01 -10.42
N SER A 39 13.45 7.34 -10.44
CA SER A 39 14.47 8.22 -10.99
C SER A 39 15.79 8.20 -10.23
N ASP A 40 15.76 7.71 -9.00
CA ASP A 40 16.96 7.66 -8.17
C ASP A 40 17.85 6.47 -8.50
N ALA A 41 17.35 5.57 -9.34
CA ALA A 41 18.11 4.39 -9.72
C ALA A 41 19.29 4.83 -10.56
N GLU A 42 20.32 3.97 -10.63
CA GLU A 42 21.52 4.27 -11.40
C GLU A 42 21.18 4.55 -12.85
N ASN A 43 20.35 3.68 -13.43
CA ASN A 43 19.92 3.84 -14.80
C ASN A 43 18.39 3.81 -14.84
N PRO A 44 17.74 4.95 -14.55
CA PRO A 44 16.28 5.09 -14.55
C PRO A 44 15.62 4.32 -15.67
N ARG A 45 14.86 3.30 -15.31
CA ARG A 45 14.18 2.46 -16.27
C ARG A 45 12.98 1.76 -15.62
N TYR A 46 11.92 1.50 -16.39
CA TYR A 46 10.77 0.79 -15.85
C TYR A 46 11.22 -0.67 -15.70
N GLU A 47 10.90 -1.29 -14.57
CA GLU A 47 11.31 -2.66 -14.29
C GLU A 47 10.14 -3.57 -13.99
N PRO A 48 10.25 -4.85 -14.37
CA PRO A 48 9.18 -5.81 -14.12
C PRO A 48 9.16 -6.17 -12.64
N ARG A 49 7.97 -6.32 -12.06
CA ARG A 49 7.85 -6.65 -10.64
C ARG A 49 6.98 -7.88 -10.43
N ALA A 50 6.52 -8.47 -11.53
CA ALA A 50 5.69 -9.69 -11.50
C ALA A 50 6.29 -10.63 -12.56
N PRO A 51 6.45 -11.91 -12.22
CA PRO A 51 7.03 -12.85 -13.20
C PRO A 51 6.41 -12.80 -14.60
N TRP A 52 5.10 -12.58 -14.68
CA TRP A 52 4.47 -12.57 -15.98
C TRP A 52 4.75 -11.38 -16.87
N MET A 53 5.56 -10.43 -16.40
CA MET A 53 5.91 -9.25 -17.20
C MET A 53 7.19 -9.51 -17.99
N GLU A 54 7.87 -10.60 -17.69
CA GLU A 54 9.09 -10.94 -18.42
C GLU A 54 8.73 -11.31 -19.86
N GLN A 55 7.42 -11.43 -20.12
CA GLN A 55 6.92 -11.74 -21.46
C GLN A 55 7.05 -10.55 -22.42
N GLU A 56 7.05 -9.34 -21.88
CA GLU A 56 7.16 -8.14 -22.70
C GLU A 56 8.53 -7.95 -23.31
N GLY A 57 8.53 -7.59 -24.59
CA GLY A 57 9.77 -7.36 -25.29
C GLY A 57 10.45 -6.07 -24.88
N PRO A 58 11.69 -5.84 -25.35
CA PRO A 58 12.48 -4.65 -25.05
C PRO A 58 11.78 -3.38 -25.51
N GLU A 59 10.88 -3.52 -26.49
CA GLU A 59 10.16 -2.36 -27.00
C GLU A 59 9.23 -1.80 -25.93
N TYR A 60 8.57 -2.70 -25.22
CA TYR A 60 7.64 -2.30 -24.17
C TYR A 60 8.31 -1.46 -23.12
N TRP A 61 9.43 -1.94 -22.63
CA TRP A 61 10.17 -1.22 -21.61
C TRP A 61 10.70 0.11 -22.11
N GLU A 62 11.10 0.15 -23.36
CA GLU A 62 11.63 1.38 -23.95
C GLU A 62 10.55 2.46 -23.96
N ARG A 63 9.38 2.11 -24.48
CA ARG A 63 8.27 3.06 -24.56
C ARG A 63 7.87 3.56 -23.15
N GLU A 64 7.70 2.63 -22.22
CA GLU A 64 7.32 2.97 -20.85
C GLU A 64 8.31 3.90 -20.17
N THR A 65 9.59 3.60 -20.37
CA THR A 65 10.63 4.40 -19.77
C THR A 65 10.60 5.80 -20.31
N GLN A 66 10.31 5.95 -21.60
CA GLN A 66 10.23 7.28 -22.21
C GLN A 66 9.09 8.08 -21.58
N LYS A 67 7.95 7.42 -21.39
CA LYS A 67 6.79 8.07 -20.80
C LYS A 67 7.14 8.59 -19.42
N ALA A 68 7.91 7.80 -18.69
CA ALA A 68 8.32 8.21 -17.35
C ALA A 68 9.14 9.49 -17.42
N LYS A 69 10.09 9.55 -18.36
CA LYS A 69 10.91 10.74 -18.53
C LYS A 69 9.99 11.95 -18.78
N GLY A 70 8.90 11.72 -19.50
CA GLY A 70 7.98 12.80 -19.77
C GLY A 70 7.24 13.22 -18.51
N GLN A 71 6.78 12.22 -17.74
CA GLN A 71 6.05 12.49 -16.52
C GLN A 71 6.92 13.28 -15.55
N GLU A 72 8.20 12.93 -15.49
CA GLU A 72 9.13 13.62 -14.60
C GLU A 72 9.12 15.11 -14.85
N GLN A 73 9.17 15.51 -16.12
CA GLN A 73 9.18 16.93 -16.46
C GLN A 73 7.85 17.61 -16.19
N TRP A 74 6.75 16.90 -16.43
CA TRP A 74 5.41 17.42 -16.19
C TRP A 74 5.26 17.67 -14.68
N PHE A 75 5.69 16.71 -13.87
CA PHE A 75 5.58 16.86 -12.42
C PHE A 75 6.51 17.97 -11.91
N ARG A 76 7.65 18.12 -12.58
CA ARG A 76 8.62 19.14 -12.20
C ARG A 76 8.03 20.52 -12.42
N VAL A 77 7.49 20.75 -13.61
CA VAL A 77 6.89 22.04 -13.91
C VAL A 77 5.68 22.29 -13.03
N SER A 78 4.88 21.25 -12.79
CA SER A 78 3.67 21.42 -11.97
C SER A 78 4.00 21.74 -10.52
N LEU A 79 5.03 21.09 -9.99
CA LEU A 79 5.45 21.33 -8.61
C LEU A 79 5.80 22.83 -8.48
N ARG A 80 6.52 23.34 -9.49
CA ARG A 80 6.93 24.74 -9.50
C ARG A 80 5.71 25.65 -9.45
N ASN A 81 4.72 25.36 -10.29
CA ASN A 81 3.50 26.17 -10.32
C ASN A 81 2.77 26.25 -8.99
N LEU A 82 2.54 25.08 -8.38
CA LEU A 82 1.86 25.00 -7.10
C LEU A 82 2.55 25.85 -6.04
N LEU A 83 3.87 25.93 -6.12
CA LEU A 83 4.62 26.70 -5.14
C LEU A 83 4.12 28.18 -5.17
N GLY A 84 3.85 28.67 -6.38
CA GLY A 84 3.36 30.03 -6.53
C GLY A 84 1.91 30.16 -6.07
N TYR A 85 1.07 29.22 -6.52
CA TYR A 85 -0.34 29.22 -6.16
C TYR A 85 -0.54 29.30 -4.65
N TYR A 86 0.35 28.66 -3.89
CA TYR A 86 0.22 28.67 -2.44
C TYR A 86 1.17 29.62 -1.75
N ASN A 87 1.93 30.38 -2.53
CA ASN A 87 2.86 31.34 -1.97
C ASN A 87 3.80 30.69 -0.96
N GLN A 88 4.41 29.58 -1.34
CA GLN A 88 5.34 28.86 -0.45
C GLN A 88 6.79 29.28 -0.66
N SER A 89 7.53 29.36 0.44
CA SER A 89 8.94 29.78 0.35
C SER A 89 9.78 28.78 -0.45
N ALA A 90 10.82 29.29 -1.11
CA ALA A 90 11.70 28.42 -1.88
C ALA A 90 12.36 27.49 -0.85
N GLY A 91 13.22 26.59 -1.32
CA GLY A 91 13.83 25.66 -0.41
C GLY A 91 12.73 24.66 -0.10
N GLY A 92 12.73 24.09 1.09
CA GLY A 92 11.70 23.12 1.46
C GLY A 92 11.40 21.99 0.47
N SER A 93 10.75 20.95 0.97
CA SER A 93 10.38 19.82 0.13
C SER A 93 8.85 19.71 0.03
N HIS A 94 8.36 19.42 -1.16
CA HIS A 94 6.93 19.29 -1.39
C HIS A 94 6.59 18.05 -2.20
N THR A 95 5.37 17.56 -2.07
CA THR A 95 5.01 16.37 -2.81
C THR A 95 3.79 16.51 -3.73
N LEU A 96 3.87 15.86 -4.87
CA LEU A 96 2.81 15.83 -5.85
C LEU A 96 2.59 14.34 -6.14
N GLN A 97 1.34 13.90 -6.11
CA GLN A 97 1.00 12.51 -6.39
C GLN A 97 -0.14 12.44 -7.39
N GLN A 98 -0.24 11.31 -8.06
CA GLN A 98 -1.27 11.08 -9.04
C GLN A 98 -1.67 9.59 -9.01
N MET A 99 -2.94 9.31 -9.21
CA MET A 99 -3.43 7.94 -9.28
C MET A 99 -4.29 7.92 -10.53
N SER A 100 -4.02 7.02 -11.46
CA SER A 100 -4.82 6.92 -12.67
C SER A 100 -5.09 5.44 -12.94
N GLY A 101 -6.15 5.16 -13.67
CA GLY A 101 -6.45 3.77 -13.95
C GLY A 101 -7.89 3.46 -14.25
N CYS A 102 -8.19 2.18 -14.40
CA CYS A 102 -9.54 1.75 -14.73
C CYS A 102 -9.96 0.48 -13.99
N ASP A 103 -11.26 0.36 -13.76
CA ASP A 103 -11.87 -0.79 -13.11
C ASP A 103 -12.76 -1.50 -14.11
N LEU A 104 -12.68 -2.82 -14.15
CA LEU A 104 -13.54 -3.59 -15.05
C LEU A 104 -14.57 -4.30 -14.16
N GLY A 105 -15.79 -4.43 -14.66
CA GLY A 105 -16.81 -5.10 -13.86
C GLY A 105 -16.82 -6.61 -14.10
N SER A 106 -17.83 -7.28 -13.56
CA SER A 106 -17.98 -8.73 -13.71
C SER A 106 -18.11 -9.06 -15.19
N ASP A 107 -18.71 -8.16 -15.94
CA ASP A 107 -18.87 -8.34 -17.38
C ASP A 107 -17.55 -7.99 -18.08
N TRP A 108 -16.49 -7.87 -17.30
CA TRP A 108 -15.17 -7.54 -17.81
C TRP A 108 -15.16 -6.33 -18.71
N ARG A 109 -16.24 -5.57 -18.70
CA ARG A 109 -16.32 -4.37 -19.53
C ARG A 109 -15.97 -3.15 -18.64
N LEU A 110 -15.63 -2.03 -19.26
CA LEU A 110 -15.26 -0.86 -18.48
C LEU A 110 -16.34 -0.48 -17.50
N LEU A 111 -15.93 -0.18 -16.29
CA LEU A 111 -16.87 0.19 -15.23
C LEU A 111 -16.58 1.60 -14.77
N ARG A 112 -15.30 1.98 -14.80
CA ARG A 112 -14.93 3.32 -14.36
C ARG A 112 -13.44 3.65 -14.52
N GLY A 113 -13.17 4.93 -14.82
CA GLY A 113 -11.81 5.41 -14.98
C GLY A 113 -11.51 6.34 -13.80
N TYR A 114 -10.23 6.52 -13.46
CA TYR A 114 -9.83 7.39 -12.34
C TYR A 114 -8.63 8.21 -12.73
N LEU A 115 -8.61 9.47 -12.27
CA LEU A 115 -7.50 10.39 -12.50
C LEU A 115 -7.56 11.40 -11.34
N GLN A 116 -6.69 11.24 -10.35
CA GLN A 116 -6.65 12.12 -9.20
C GLN A 116 -5.22 12.58 -8.89
N PHE A 117 -5.11 13.83 -8.45
CA PHE A 117 -3.85 14.46 -8.08
C PHE A 117 -3.96 14.95 -6.63
N ALA A 118 -2.84 14.88 -5.91
CA ALA A 118 -2.80 15.34 -4.53
C ALA A 118 -1.52 16.13 -4.34
N TYR A 119 -1.61 17.20 -3.57
CA TYR A 119 -0.45 18.03 -3.28
C TYR A 119 -0.26 18.00 -1.78
N GLU A 120 0.97 17.79 -1.33
CA GLU A 120 1.26 17.69 0.11
C GLU A 120 0.42 16.59 0.77
N GLY A 121 0.12 15.53 0.03
CA GLY A 121 -0.67 14.45 0.60
C GLY A 121 -2.16 14.74 0.74
N ARG A 122 -2.62 15.80 0.09
CA ARG A 122 -4.04 16.18 0.15
C ARG A 122 -4.67 16.38 -1.23
N ASP A 123 -5.95 16.02 -1.34
CA ASP A 123 -6.70 16.14 -2.60
C ASP A 123 -6.47 17.50 -3.22
N TYR A 124 -6.16 17.51 -4.52
CA TYR A 124 -5.93 18.75 -5.24
C TYR A 124 -7.00 18.88 -6.30
N ILE A 125 -6.93 18.02 -7.32
CA ILE A 125 -7.93 18.05 -8.38
C ILE A 125 -8.19 16.61 -8.88
N ALA A 126 -9.44 16.31 -9.20
CA ALA A 126 -9.80 14.99 -9.67
C ALA A 126 -10.79 15.06 -10.82
N LEU A 127 -10.66 14.10 -11.72
CA LEU A 127 -11.54 13.95 -12.86
C LEU A 127 -12.79 13.20 -12.41
N ASN A 128 -13.97 13.77 -12.65
CA ASN A 128 -15.22 13.10 -12.25
C ASN A 128 -15.52 11.86 -13.08
N GLU A 129 -16.35 11.00 -12.53
CA GLU A 129 -16.69 9.74 -13.21
C GLU A 129 -17.14 9.90 -14.65
N ASP A 130 -17.59 11.09 -15.05
CA ASP A 130 -18.02 11.28 -16.42
C ASP A 130 -16.82 11.45 -17.33
N LEU A 131 -15.66 11.67 -16.72
CA LEU A 131 -14.43 11.85 -17.47
C LEU A 131 -14.47 13.11 -18.36
N LYS A 132 -15.22 14.12 -17.94
CA LYS A 132 -15.34 15.37 -18.70
C LYS A 132 -15.16 16.58 -17.80
N THR A 133 -15.62 16.49 -16.58
CA THR A 133 -15.51 17.60 -15.64
C THR A 133 -14.53 17.33 -14.52
N TRP A 134 -13.97 18.40 -13.96
CA TRP A 134 -13.01 18.33 -12.87
C TRP A 134 -13.56 18.77 -11.53
N THR A 135 -13.02 18.20 -10.46
CA THR A 135 -13.42 18.58 -9.13
C THR A 135 -12.19 19.14 -8.43
N ALA A 136 -12.23 20.44 -8.11
CA ALA A 136 -11.11 21.08 -7.44
C ALA A 136 -11.42 21.10 -5.95
N ALA A 137 -10.47 20.67 -5.13
CA ALA A 137 -10.65 20.60 -3.67
C ALA A 137 -10.49 21.93 -2.94
N ASP A 138 -9.75 22.87 -3.51
CA ASP A 138 -9.57 24.15 -2.85
C ASP A 138 -9.44 25.29 -3.86
N MET A 139 -9.16 26.50 -3.37
CA MET A 139 -9.02 27.69 -4.24
C MET A 139 -7.95 27.54 -5.30
N ALA A 140 -6.75 27.15 -4.88
CA ALA A 140 -5.64 26.99 -5.80
C ALA A 140 -6.03 26.03 -6.94
N ALA A 141 -6.70 24.94 -6.58
CA ALA A 141 -7.09 23.94 -7.57
C ALA A 141 -8.11 24.50 -8.57
N GLN A 142 -8.92 25.46 -8.15
CA GLN A 142 -9.90 26.07 -9.05
C GLN A 142 -9.17 26.75 -10.20
N ILE A 143 -7.98 27.26 -9.94
CA ILE A 143 -7.16 27.90 -10.97
C ILE A 143 -6.84 26.87 -12.05
N THR A 144 -6.34 25.71 -11.60
CA THR A 144 -5.99 24.62 -12.50
C THR A 144 -7.23 24.14 -13.26
N ARG A 145 -8.35 23.99 -12.55
CA ARG A 145 -9.60 23.53 -13.18
C ARG A 145 -10.03 24.46 -14.30
N ARG A 146 -10.02 25.76 -14.02
CA ARG A 146 -10.44 26.77 -15.01
C ARG A 146 -9.55 26.75 -16.24
N LYS A 147 -8.26 26.54 -16.03
CA LYS A 147 -7.28 26.46 -17.10
C LYS A 147 -7.49 25.18 -17.93
N TRP A 148 -7.75 24.06 -17.26
CA TRP A 148 -7.97 22.80 -17.97
C TRP A 148 -9.32 22.70 -18.69
N GLU A 149 -10.32 23.41 -18.21
CA GLU A 149 -11.62 23.37 -18.88
C GLU A 149 -11.49 23.96 -20.29
N GLN A 150 -10.55 24.89 -20.45
CA GLN A 150 -10.31 25.53 -21.74
C GLN A 150 -9.52 24.67 -22.71
N SER A 151 -8.63 23.84 -22.16
CA SER A 151 -7.78 23.01 -23.00
C SER A 151 -8.31 21.64 -23.37
N GLY A 152 -9.43 21.23 -22.80
CA GLY A 152 -9.92 19.90 -23.12
C GLY A 152 -8.91 18.87 -22.64
N ALA A 153 -8.27 19.16 -21.50
CA ALA A 153 -7.30 18.24 -20.94
C ALA A 153 -8.00 16.92 -20.64
N ALA A 154 -9.24 17.01 -20.17
CA ALA A 154 -10.01 15.84 -19.83
C ALA A 154 -10.20 14.83 -20.99
N GLU A 155 -10.37 15.33 -22.20
CA GLU A 155 -10.57 14.45 -23.33
C GLU A 155 -9.36 13.53 -23.47
N HIS A 156 -8.17 14.09 -23.31
CA HIS A 156 -6.94 13.31 -23.42
C HIS A 156 -6.94 12.13 -22.46
N TYR A 157 -7.22 12.41 -21.19
CA TYR A 157 -7.26 11.40 -20.14
C TYR A 157 -8.40 10.42 -20.38
N LYS A 158 -9.54 10.94 -20.82
CA LYS A 158 -10.71 10.11 -21.10
C LYS A 158 -10.33 9.02 -22.12
N ALA A 159 -9.64 9.42 -23.19
CA ALA A 159 -9.21 8.50 -24.24
C ALA A 159 -8.26 7.40 -23.71
N TYR A 160 -7.38 7.76 -22.78
CA TYR A 160 -6.46 6.75 -22.22
C TYR A 160 -7.26 5.79 -21.34
N LEU A 161 -8.12 6.33 -20.49
CA LEU A 161 -8.89 5.51 -19.56
C LEU A 161 -9.91 4.56 -20.20
N GLU A 162 -10.44 4.93 -21.36
CA GLU A 162 -11.41 4.06 -22.01
C GLU A 162 -10.75 3.18 -23.06
N GLY A 163 -9.56 3.57 -23.52
CA GLY A 163 -8.88 2.78 -24.54
C GLY A 163 -7.65 2.03 -24.05
N GLU A 164 -6.51 2.70 -24.07
CA GLU A 164 -5.26 2.08 -23.65
C GLU A 164 -5.32 1.33 -22.30
N CYS A 165 -5.87 1.98 -21.28
CA CYS A 165 -5.99 1.36 -19.96
C CYS A 165 -6.72 0.03 -20.11
N VAL A 166 -7.88 0.08 -20.77
CA VAL A 166 -8.68 -1.12 -20.97
C VAL A 166 -7.91 -2.18 -21.75
N GLU A 167 -7.29 -1.77 -22.85
CA GLU A 167 -6.52 -2.68 -23.67
C GLU A 167 -5.42 -3.44 -22.92
N TRP A 168 -4.60 -2.72 -22.17
CA TRP A 168 -3.53 -3.39 -21.46
C TRP A 168 -3.98 -4.18 -20.25
N LEU A 169 -5.05 -3.73 -19.59
CA LEU A 169 -5.49 -4.50 -18.43
C LEU A 169 -5.91 -5.89 -18.93
N HIS A 170 -6.59 -5.94 -20.06
CA HIS A 170 -7.02 -7.24 -20.60
C HIS A 170 -5.81 -8.07 -20.96
N ARG A 171 -4.78 -7.43 -21.49
CA ARG A 171 -3.57 -8.15 -21.89
C ARG A 171 -2.82 -8.71 -20.68
N TYR A 172 -2.68 -7.89 -19.65
CA TYR A 172 -1.99 -8.33 -18.45
C TYR A 172 -2.78 -9.47 -17.80
N LEU A 173 -4.10 -9.33 -17.75
CA LEU A 173 -4.97 -10.35 -17.17
C LEU A 173 -4.82 -11.66 -17.91
N LYS A 174 -4.64 -11.56 -19.22
CA LYS A 174 -4.46 -12.74 -20.06
C LYS A 174 -3.08 -13.32 -19.82
N ASN A 175 -2.08 -12.44 -19.74
CA ASN A 175 -0.70 -12.87 -19.52
C ASN A 175 -0.41 -13.41 -18.12
N GLY A 176 -0.86 -12.70 -17.08
CA GLY A 176 -0.61 -13.14 -15.71
C GLY A 176 -1.74 -13.93 -15.06
N ASN A 177 -2.67 -14.40 -15.88
CA ASN A 177 -3.84 -15.16 -15.43
C ASN A 177 -3.57 -16.19 -14.32
N ALA A 178 -2.72 -17.16 -14.63
CA ALA A 178 -2.42 -18.22 -13.65
C ALA A 178 -1.88 -17.70 -12.32
N THR A 179 -1.39 -16.47 -12.32
CA THR A 179 -0.86 -15.89 -11.10
C THR A 179 -1.86 -14.99 -10.40
N LEU A 180 -2.42 -14.04 -11.15
CA LEU A 180 -3.40 -13.10 -10.60
C LEU A 180 -4.67 -13.77 -10.10
N LEU A 181 -5.18 -14.74 -10.84
CA LEU A 181 -6.40 -15.44 -10.46
C LEU A 181 -6.28 -16.52 -9.38
N ARG A 182 -5.07 -16.89 -9.00
CA ARG A 182 -4.84 -17.91 -7.95
C ARG A 182 -5.18 -17.39 -6.55
N THR A 183 -5.34 -18.34 -5.62
CA THR A 183 -5.57 -17.98 -4.23
C THR A 183 -4.65 -18.86 -3.39
N ASP A 184 -4.38 -18.37 -2.18
CA ASP A 184 -3.65 -19.13 -1.19
C ASP A 184 -4.59 -18.96 -0.02
N SER A 185 -5.30 -20.02 0.32
CA SER A 185 -6.23 -19.93 1.42
C SER A 185 -5.44 -19.82 2.72
N PRO A 186 -6.03 -19.17 3.70
CA PRO A 186 -5.40 -18.98 5.01
C PRO A 186 -5.12 -20.21 5.86
N LYS A 187 -4.05 -20.12 6.62
CA LYS A 187 -3.66 -21.14 7.58
C LYS A 187 -4.02 -20.41 8.88
N ALA A 188 -4.96 -20.95 9.61
CA ALA A 188 -5.44 -20.32 10.83
C ALA A 188 -5.27 -21.14 12.09
N HIS A 189 -5.28 -20.43 13.22
CA HIS A 189 -5.21 -21.05 14.54
C HIS A 189 -5.62 -20.02 15.58
N VAL A 190 -5.84 -20.49 16.80
CA VAL A 190 -6.25 -19.63 17.91
C VAL A 190 -5.25 -19.69 19.06
N THR A 191 -4.82 -18.53 19.53
CA THR A 191 -3.91 -18.50 20.65
C THR A 191 -4.67 -18.00 21.87
N HIS A 192 -4.10 -18.25 23.04
CA HIS A 192 -4.71 -17.92 24.31
C HIS A 192 -3.74 -17.11 25.15
N HIS A 193 -4.18 -15.96 25.63
CA HIS A 193 -3.28 -15.11 26.41
C HIS A 193 -3.89 -14.47 27.64
N PRO A 194 -3.08 -14.28 28.69
CA PRO A 194 -3.56 -13.64 29.92
C PRO A 194 -3.80 -12.17 29.57
N ARG A 195 -4.83 -11.58 30.17
CA ARG A 195 -5.18 -10.16 29.92
C ARG A 195 -5.22 -9.41 31.25
N SER A 196 -6.02 -9.92 32.19
CA SER A 196 -6.15 -9.31 33.51
C SER A 196 -6.95 -10.21 34.44
N LYS A 197 -7.17 -9.73 35.67
CA LYS A 197 -7.90 -10.48 36.68
C LYS A 197 -9.12 -11.21 36.16
N GLY A 198 -9.03 -12.54 36.06
CA GLY A 198 -10.13 -13.35 35.58
C GLY A 198 -10.53 -13.16 34.13
N GLU A 199 -9.63 -12.58 33.33
CA GLU A 199 -9.96 -12.37 31.93
C GLU A 199 -8.78 -12.73 31.04
N VAL A 200 -9.07 -13.31 29.88
CA VAL A 200 -8.02 -13.71 28.97
C VAL A 200 -8.37 -13.29 27.57
N THR A 201 -7.36 -13.27 26.72
CA THR A 201 -7.56 -12.91 25.33
C THR A 201 -7.46 -14.12 24.44
N LEU A 202 -8.37 -14.19 23.48
CA LEU A 202 -8.36 -15.23 22.47
C LEU A 202 -8.05 -14.50 21.17
N ARG A 203 -6.99 -14.92 20.49
CA ARG A 203 -6.61 -14.29 19.24
C ARG A 203 -6.69 -15.32 18.12
N CYS A 204 -7.47 -14.97 17.10
CA CYS A 204 -7.68 -15.84 15.94
C CYS A 204 -6.83 -15.35 14.77
N TRP A 205 -5.82 -16.14 14.43
CA TRP A 205 -4.86 -15.82 13.37
C TRP A 205 -5.18 -16.42 12.03
N ALA A 206 -4.87 -15.66 10.98
CA ALA A 206 -5.07 -16.09 9.60
C ALA A 206 -3.78 -15.70 8.93
N LEU A 207 -3.03 -16.68 8.42
CA LEU A 207 -1.74 -16.40 7.81
C LEU A 207 -1.52 -16.95 6.40
N GLY A 208 -0.56 -16.33 5.72
CA GLY A 208 -0.16 -16.75 4.38
C GLY A 208 -1.26 -16.83 3.34
N PHE A 209 -2.25 -15.93 3.43
CA PHE A 209 -3.32 -15.97 2.46
C PHE A 209 -3.13 -14.97 1.31
N TYR A 210 -3.88 -15.19 0.23
CA TYR A 210 -3.84 -14.34 -0.94
C TYR A 210 -5.07 -14.61 -1.81
N PRO A 211 -5.72 -13.55 -2.31
CA PRO A 211 -5.41 -12.12 -2.13
C PRO A 211 -5.64 -11.61 -0.69
N ALA A 212 -5.42 -10.32 -0.48
CA ALA A 212 -5.55 -9.71 0.85
C ALA A 212 -6.92 -9.72 1.49
N ASP A 213 -7.96 -9.65 0.66
CA ASP A 213 -9.32 -9.60 1.19
C ASP A 213 -9.64 -10.78 2.07
N ILE A 214 -10.25 -10.49 3.22
CA ILE A 214 -10.60 -11.54 4.14
C ILE A 214 -11.53 -11.03 5.23
N THR A 215 -12.23 -11.95 5.89
CA THR A 215 -13.13 -11.60 6.97
C THR A 215 -12.94 -12.58 8.10
N LEU A 216 -12.79 -12.04 9.32
CA LEU A 216 -12.63 -12.83 10.54
C LEU A 216 -13.72 -12.38 11.50
N THR A 217 -14.34 -13.32 12.20
CA THR A 217 -15.39 -12.93 13.14
C THR A 217 -15.30 -13.79 14.39
N TRP A 218 -15.91 -13.31 15.46
CA TRP A 218 -15.95 -14.05 16.72
C TRP A 218 -17.41 -14.18 17.10
N GLN A 219 -17.76 -15.32 17.69
CA GLN A 219 -19.14 -15.54 18.08
C GLN A 219 -19.33 -16.10 19.48
N LEU A 220 -20.29 -15.52 20.20
CA LEU A 220 -20.63 -15.98 21.54
C LEU A 220 -22.11 -16.32 21.50
N ASN A 221 -22.44 -17.59 21.71
CA ASN A 221 -23.83 -18.02 21.68
C ASN A 221 -24.53 -17.72 20.35
N GLY A 222 -23.83 -17.97 19.26
CA GLY A 222 -24.41 -17.75 17.94
C GLY A 222 -24.59 -16.31 17.52
N GLU A 223 -23.97 -15.37 18.23
CA GLU A 223 -24.08 -13.97 17.87
C GLU A 223 -22.70 -13.38 17.53
N GLU A 224 -22.69 -12.44 16.59
CA GLU A 224 -21.49 -11.77 16.13
C GLU A 224 -20.94 -10.79 17.17
N LEU A 225 -19.63 -10.67 17.26
CA LEU A 225 -19.00 -9.77 18.23
C LEU A 225 -18.26 -8.59 17.61
N THR A 226 -18.93 -7.82 16.76
CA THR A 226 -18.31 -6.66 16.10
C THR A 226 -17.63 -5.74 17.11
N GLN A 227 -18.40 -5.23 18.06
CA GLN A 227 -17.85 -4.39 19.11
C GLN A 227 -17.34 -5.43 20.11
N ASP A 228 -16.21 -5.14 20.74
CA ASP A 228 -15.59 -6.06 21.69
C ASP A 228 -14.54 -6.90 20.98
N MET A 229 -14.45 -6.72 19.66
CA MET A 229 -13.47 -7.46 18.88
C MET A 229 -12.39 -6.52 18.37
N GLU A 230 -11.14 -6.86 18.60
CA GLU A 230 -10.03 -6.07 18.11
C GLU A 230 -9.47 -6.72 16.84
N LEU A 231 -9.50 -5.98 15.74
CA LEU A 231 -9.04 -6.48 14.46
C LEU A 231 -7.80 -5.72 13.97
N VAL A 232 -6.65 -6.38 13.85
CA VAL A 232 -5.49 -5.65 13.34
C VAL A 232 -5.66 -5.35 11.87
N GLU A 233 -4.83 -4.46 11.38
CA GLU A 233 -4.83 -4.08 10.00
C GLU A 233 -4.10 -5.20 9.24
N THR A 234 -4.64 -5.56 8.07
CA THR A 234 -4.05 -6.61 7.23
C THR A 234 -2.62 -6.17 6.92
N ARG A 235 -1.69 -7.10 7.00
CA ARG A 235 -0.27 -6.78 6.82
C ARG A 235 0.43 -7.79 5.93
N PRO A 236 1.45 -7.36 5.15
CA PRO A 236 2.17 -8.31 4.28
C PRO A 236 3.14 -9.20 5.05
N ALA A 237 3.18 -10.48 4.67
CA ALA A 237 4.11 -11.42 5.28
C ALA A 237 5.48 -11.13 4.67
N GLY A 238 5.49 -10.55 3.47
CA GLY A 238 6.76 -10.23 2.83
C GLY A 238 7.07 -11.18 1.69
N ASP A 239 6.27 -12.22 1.54
CA ASP A 239 6.49 -13.20 0.50
C ASP A 239 5.36 -13.20 -0.51
N GLY A 240 4.54 -12.15 -0.50
CA GLY A 240 3.45 -12.10 -1.44
C GLY A 240 2.13 -12.41 -0.77
N THR A 241 2.17 -13.07 0.38
CA THR A 241 0.93 -13.40 1.10
C THR A 241 0.68 -12.42 2.23
N PHE A 242 -0.49 -12.51 2.86
CA PHE A 242 -0.87 -11.59 3.92
C PHE A 242 -1.21 -12.27 5.26
N GLN A 243 -1.37 -11.45 6.29
CA GLN A 243 -1.68 -11.93 7.64
C GLN A 243 -2.71 -11.01 8.27
N LYS A 244 -3.47 -11.54 9.21
CA LYS A 244 -4.46 -10.76 9.94
C LYS A 244 -4.90 -11.59 11.14
N TRP A 245 -5.34 -10.92 12.20
CA TRP A 245 -5.84 -11.61 13.38
C TRP A 245 -6.91 -10.75 14.00
N ALA A 246 -7.75 -11.39 14.78
CA ALA A 246 -8.84 -10.74 15.48
C ALA A 246 -8.89 -11.35 16.87
N SER A 247 -8.97 -10.51 17.89
CA SER A 247 -9.02 -11.01 19.25
C SER A 247 -10.19 -10.42 20.02
N VAL A 248 -10.57 -11.12 21.08
CA VAL A 248 -11.64 -10.72 21.98
C VAL A 248 -11.15 -11.05 23.39
N VAL A 249 -11.64 -10.31 24.38
CA VAL A 249 -11.28 -10.57 25.77
C VAL A 249 -12.44 -11.36 26.34
N VAL A 250 -12.11 -12.44 27.05
CA VAL A 250 -13.13 -13.34 27.57
C VAL A 250 -12.92 -13.76 29.01
N PRO A 251 -14.03 -14.09 29.71
CA PRO A 251 -13.90 -14.50 31.11
C PRO A 251 -13.16 -15.83 31.19
N LEU A 252 -12.18 -15.90 32.10
CA LEU A 252 -11.41 -17.12 32.28
C LEU A 252 -12.36 -18.24 32.71
N GLY A 253 -12.40 -19.31 31.95
CA GLY A 253 -13.27 -20.42 32.25
C GLY A 253 -14.42 -20.51 31.26
N LYS A 254 -14.39 -19.65 30.25
CA LYS A 254 -15.45 -19.67 29.26
C LYS A 254 -14.90 -19.60 27.84
N GLU A 255 -13.60 -19.83 27.70
CA GLU A 255 -12.98 -19.78 26.40
C GLU A 255 -13.71 -20.66 25.40
N GLN A 256 -14.20 -21.81 25.85
CA GLN A 256 -14.87 -22.75 24.95
C GLN A 256 -16.17 -22.27 24.36
N ASN A 257 -16.77 -21.24 24.95
CA ASN A 257 -18.03 -20.73 24.45
C ASN A 257 -17.84 -19.81 23.25
N TYR A 258 -16.59 -19.57 22.85
CA TYR A 258 -16.33 -18.69 21.72
C TYR A 258 -15.77 -19.39 20.49
N THR A 259 -16.20 -18.96 19.32
CA THR A 259 -15.72 -19.56 18.07
C THR A 259 -15.32 -18.46 17.08
N CYS A 260 -14.30 -18.76 16.28
CA CYS A 260 -13.80 -17.83 15.27
C CYS A 260 -14.14 -18.39 13.91
N ARG A 261 -14.58 -17.53 13.00
CA ARG A 261 -14.90 -17.94 11.64
C ARG A 261 -13.96 -17.18 10.71
N VAL A 262 -13.50 -17.86 9.67
CA VAL A 262 -12.59 -17.26 8.71
C VAL A 262 -13.18 -17.40 7.30
N TYR A 263 -13.36 -16.28 6.62
CA TYR A 263 -13.92 -16.25 5.26
C TYR A 263 -12.87 -15.76 4.29
N HIS A 264 -12.70 -16.49 3.20
CA HIS A 264 -11.71 -16.14 2.17
C HIS A 264 -12.04 -16.79 0.82
N GLU A 265 -11.73 -16.10 -0.26
CA GLU A 265 -11.96 -16.60 -1.61
C GLU A 265 -11.42 -18.00 -1.83
N GLY A 266 -10.32 -18.35 -1.16
CA GLY A 266 -9.73 -19.67 -1.34
C GLY A 266 -10.40 -20.74 -0.52
N LEU A 267 -11.41 -20.33 0.24
CA LEU A 267 -12.16 -21.22 1.11
C LEU A 267 -13.58 -21.40 0.57
N PRO A 268 -13.89 -22.60 0.04
CA PRO A 268 -15.24 -22.76 -0.47
C PRO A 268 -16.24 -22.76 0.71
N GLU A 269 -15.74 -23.12 1.88
CA GLU A 269 -16.54 -23.14 3.09
C GLU A 269 -15.72 -22.48 4.20
N PRO A 270 -16.30 -21.51 4.93
CA PRO A 270 -15.55 -20.84 6.00
C PRO A 270 -15.06 -21.75 7.13
N LEU A 271 -13.92 -21.40 7.70
CA LEU A 271 -13.36 -22.19 8.79
C LEU A 271 -14.07 -21.83 10.09
N THR A 272 -14.02 -22.75 11.05
CA THR A 272 -14.63 -22.55 12.35
C THR A 272 -13.59 -23.06 13.35
N LEU A 273 -13.08 -22.16 14.17
CA LEU A 273 -12.06 -22.50 15.15
C LEU A 273 -12.45 -22.15 16.57
N ARG A 274 -11.85 -22.86 17.53
CA ARG A 274 -12.08 -22.64 18.95
C ARG A 274 -10.73 -22.74 19.62
N TRP A 275 -10.65 -22.23 20.85
CA TRP A 275 -9.43 -22.31 21.63
C TRP A 275 -9.31 -23.80 21.99
N GLU A 276 -8.10 -24.33 21.92
CA GLU A 276 -7.89 -25.74 22.21
C GLU A 276 -6.77 -25.95 23.21
N PRO A 277 -7.13 -26.14 24.50
CA PRO A 277 -6.12 -26.36 25.53
C PRO A 277 -5.26 -27.62 25.28
N ILE B 2 0.49 19.80 7.01
CA ILE B 2 -0.26 18.80 7.74
C ILE B 2 0.55 17.50 7.68
N GLN B 3 0.74 16.88 8.82
CA GLN B 3 1.53 15.66 8.87
C GLN B 3 0.75 14.51 9.45
N LYS B 4 1.04 13.30 8.95
CA LYS B 4 0.37 12.11 9.44
C LYS B 4 1.40 11.26 10.14
N THR B 5 1.09 10.87 11.38
CA THR B 5 1.96 10.07 12.20
C THR B 5 1.90 8.63 11.70
N PRO B 6 3.07 7.99 11.54
CA PRO B 6 3.09 6.62 11.06
C PRO B 6 2.51 5.60 12.02
N GLN B 7 1.91 4.57 11.45
CA GLN B 7 1.38 3.46 12.23
C GLN B 7 2.48 2.42 12.04
N ILE B 8 2.69 1.61 13.07
CA ILE B 8 3.78 0.64 13.03
C ILE B 8 3.42 -0.75 13.53
N GLN B 9 3.70 -1.77 12.72
CA GLN B 9 3.46 -3.15 13.14
C GLN B 9 4.79 -3.87 13.02
N VAL B 10 5.13 -4.62 14.06
CA VAL B 10 6.36 -5.40 14.08
C VAL B 10 5.90 -6.83 14.30
N TYR B 11 6.26 -7.71 13.36
CA TYR B 11 5.82 -9.12 13.44
C TYR B 11 6.73 -10.02 12.60
N SER B 12 6.59 -11.33 12.78
CA SER B 12 7.40 -12.30 12.05
C SER B 12 6.65 -12.88 10.88
N ARG B 13 7.38 -13.22 9.83
CA ARG B 13 6.74 -13.80 8.65
C ARG B 13 6.05 -15.12 9.01
N HIS B 14 6.76 -16.00 9.71
CA HIS B 14 6.22 -17.31 10.10
C HIS B 14 5.96 -17.40 11.59
N PRO B 15 5.02 -18.26 12.03
CA PRO B 15 4.84 -18.28 13.48
C PRO B 15 6.18 -18.60 14.12
N PRO B 16 6.56 -17.87 15.20
CA PRO B 16 7.83 -18.02 15.93
C PRO B 16 8.06 -19.22 16.84
N GLU B 17 9.25 -19.78 16.73
CA GLU B 17 9.71 -20.92 17.55
C GLU B 17 11.14 -20.58 17.96
N ASN B 18 11.37 -20.46 19.26
CA ASN B 18 12.71 -20.10 19.73
C ASN B 18 13.76 -21.03 19.16
N GLY B 19 14.81 -20.44 18.62
CA GLY B 19 15.89 -21.22 18.04
C GLY B 19 15.78 -21.46 16.55
N LYS B 20 14.63 -21.13 15.97
CA LYS B 20 14.45 -21.34 14.54
C LYS B 20 14.48 -20.04 13.73
N PRO B 21 15.27 -20.01 12.64
CA PRO B 21 15.39 -18.84 11.75
C PRO B 21 14.01 -18.42 11.21
N ASN B 22 13.80 -17.11 11.10
CA ASN B 22 12.54 -16.56 10.64
C ASN B 22 12.86 -15.18 10.05
N ILE B 23 11.82 -14.43 9.68
CA ILE B 23 11.98 -13.09 9.13
C ILE B 23 11.18 -12.14 10.00
N LEU B 24 11.78 -11.02 10.37
CA LEU B 24 11.11 -10.01 11.19
C LEU B 24 10.70 -8.88 10.28
N ASN B 25 9.42 -8.50 10.37
CA ASN B 25 8.87 -7.41 9.59
C ASN B 25 8.55 -6.18 10.41
N CYS B 26 8.74 -5.02 9.79
CA CYS B 26 8.37 -3.75 10.39
C CYS B 26 7.63 -3.03 9.27
N TYR B 27 6.31 -3.05 9.35
CA TYR B 27 5.40 -2.45 8.37
C TYR B 27 4.98 -1.10 8.90
N VAL B 28 5.41 -0.05 8.19
CA VAL B 28 5.14 1.34 8.55
C VAL B 28 4.20 1.92 7.52
N THR B 29 3.06 2.43 7.96
CA THR B 29 2.03 2.97 7.08
C THR B 29 1.45 4.29 7.58
N GLN B 30 0.54 4.85 6.78
CA GLN B 30 -0.20 6.01 7.21
C GLN B 30 0.61 7.28 7.47
N PHE B 31 1.75 7.44 6.84
CA PHE B 31 2.53 8.65 7.13
C PHE B 31 2.70 9.64 5.99
N HIS B 32 3.09 10.86 6.35
CA HIS B 32 3.37 11.96 5.42
C HIS B 32 4.13 13.03 6.18
N PRO B 33 5.21 13.57 5.59
CA PRO B 33 5.80 13.30 4.28
C PRO B 33 6.34 11.89 4.11
N PRO B 34 6.77 11.57 2.88
CA PRO B 34 7.31 10.24 2.59
C PRO B 34 8.71 10.00 3.17
N HIS B 35 9.50 11.04 3.38
CA HIS B 35 10.81 10.80 3.96
C HIS B 35 10.61 10.21 5.35
N ILE B 36 11.34 9.12 5.63
CA ILE B 36 11.25 8.43 6.90
C ILE B 36 12.53 7.63 7.06
N GLU B 37 12.91 7.37 8.32
CA GLU B 37 14.13 6.62 8.61
C GLU B 37 13.72 5.49 9.55
N ILE B 38 14.02 4.26 9.15
CA ILE B 38 13.64 3.09 9.93
C ILE B 38 14.83 2.20 10.31
N GLN B 39 14.89 1.79 11.57
CA GLN B 39 15.95 0.91 12.08
C GLN B 39 15.30 -0.28 12.75
N MET B 40 15.90 -1.45 12.62
CA MET B 40 15.40 -2.65 13.26
C MET B 40 16.51 -3.05 14.23
N LEU B 41 16.12 -3.30 15.48
CA LEU B 41 17.07 -3.58 16.55
C LEU B 41 16.95 -4.92 17.27
N LYS B 42 18.11 -5.47 17.65
CA LYS B 42 18.19 -6.71 18.43
C LYS B 42 18.87 -6.26 19.71
N ASN B 43 18.15 -6.33 20.84
CA ASN B 43 18.70 -5.88 22.13
C ASN B 43 19.22 -4.44 22.07
N GLY B 44 18.48 -3.57 21.40
CA GLY B 44 18.89 -2.16 21.31
C GLY B 44 20.09 -1.90 20.42
N LYS B 45 20.46 -2.86 19.59
CA LYS B 45 21.60 -2.72 18.67
C LYS B 45 21.07 -2.85 17.25
N LYS B 46 21.37 -1.87 16.41
CA LYS B 46 20.90 -1.89 15.04
C LYS B 46 21.30 -3.18 14.33
N ILE B 47 20.34 -3.82 13.65
CA ILE B 47 20.64 -5.05 12.92
C ILE B 47 21.20 -4.71 11.54
N PRO B 48 22.37 -5.27 11.21
CA PRO B 48 23.13 -5.10 9.98
C PRO B 48 22.46 -5.08 8.61
N LYS B 49 21.80 -6.17 8.21
CA LYS B 49 21.21 -6.18 6.88
C LYS B 49 19.70 -6.07 6.81
N VAL B 50 19.18 -4.89 7.14
CA VAL B 50 17.75 -4.69 7.08
C VAL B 50 17.42 -4.35 5.64
N GLU B 51 16.63 -5.19 4.99
CA GLU B 51 16.24 -4.91 3.61
C GLU B 51 15.06 -3.97 3.73
N MET B 52 14.91 -3.09 2.75
CA MET B 52 13.83 -2.14 2.78
C MET B 52 13.08 -2.32 1.50
N SER B 53 11.76 -2.53 1.57
CA SER B 53 11.00 -2.67 0.36
C SER B 53 11.01 -1.29 -0.26
N ASP B 54 10.52 -1.19 -1.49
CA ASP B 54 10.44 0.10 -2.15
C ASP B 54 9.23 0.82 -1.54
N MET B 55 9.21 2.15 -1.64
CA MET B 55 8.13 2.96 -1.12
C MET B 55 6.86 2.95 -1.97
N SER B 56 5.70 3.04 -1.33
CA SER B 56 4.45 3.06 -2.05
C SER B 56 3.46 3.93 -1.27
N PHE B 57 2.28 4.12 -1.83
CA PHE B 57 1.28 4.88 -1.12
C PHE B 57 -0.10 4.29 -1.40
N SER B 58 -1.02 4.49 -0.46
CA SER B 58 -2.34 3.94 -0.60
C SER B 58 -3.34 4.97 -1.11
N LYS B 59 -4.54 4.50 -1.40
CA LYS B 59 -5.62 5.31 -1.94
C LYS B 59 -5.95 6.58 -1.18
N ASP B 60 -5.59 6.65 0.09
CA ASP B 60 -5.86 7.87 0.84
C ASP B 60 -4.62 8.79 0.80
N TRP B 61 -3.70 8.48 -0.13
CA TRP B 61 -2.45 9.22 -0.36
C TRP B 61 -1.31 8.96 0.63
N SER B 62 -1.64 8.41 1.81
CA SER B 62 -0.61 8.16 2.83
C SER B 62 0.41 7.14 2.37
N PHE B 63 1.65 7.32 2.81
CA PHE B 63 2.72 6.43 2.40
C PHE B 63 2.93 5.21 3.27
N TYR B 64 3.53 4.17 2.70
CA TYR B 64 3.85 2.95 3.44
C TYR B 64 5.11 2.31 2.90
N ILE B 65 5.71 1.48 3.73
CA ILE B 65 6.93 0.80 3.37
C ILE B 65 7.10 -0.39 4.30
N LEU B 66 7.91 -1.36 3.88
CA LEU B 66 8.13 -2.55 4.69
C LEU B 66 9.61 -2.86 4.91
N ALA B 67 10.06 -2.85 6.15
CA ALA B 67 11.44 -3.18 6.41
C ALA B 67 11.41 -4.62 6.96
N HIS B 68 12.43 -5.39 6.66
CA HIS B 68 12.48 -6.76 7.15
C HIS B 68 13.89 -7.26 7.24
N THR B 69 14.09 -8.28 8.06
CA THR B 69 15.42 -8.85 8.22
C THR B 69 15.32 -10.23 8.83
N GLU B 70 16.39 -10.97 8.67
CA GLU B 70 16.48 -12.30 9.20
C GLU B 70 16.77 -12.17 10.69
N PHE B 71 16.20 -13.09 11.47
CA PHE B 71 16.43 -13.08 12.89
C PHE B 71 16.06 -14.45 13.40
N THR B 72 16.56 -14.79 14.57
CA THR B 72 16.25 -16.06 15.20
C THR B 72 15.66 -15.67 16.53
N PRO B 73 14.36 -15.89 16.70
CA PRO B 73 13.78 -15.51 17.98
C PRO B 73 14.27 -16.43 19.10
N THR B 74 14.39 -15.87 20.30
CA THR B 74 14.83 -16.64 21.45
C THR B 74 13.98 -16.23 22.66
N GLU B 75 14.28 -16.85 23.79
CA GLU B 75 13.56 -16.56 25.01
C GLU B 75 13.88 -15.18 25.56
N THR B 76 15.15 -14.81 25.54
CA THR B 76 15.57 -13.55 26.11
C THR B 76 15.97 -12.36 25.22
N ASP B 77 16.29 -12.59 23.95
CA ASP B 77 16.67 -11.47 23.09
C ASP B 77 15.45 -10.62 22.72
N THR B 78 15.61 -9.31 22.68
CA THR B 78 14.47 -8.46 22.34
C THR B 78 14.67 -7.91 20.93
N TYR B 79 13.56 -7.62 20.25
CA TYR B 79 13.59 -7.05 18.91
C TYR B 79 12.64 -5.86 18.82
N ALA B 80 13.03 -4.86 18.05
CA ALA B 80 12.20 -3.69 17.93
C ALA B 80 12.49 -2.99 16.63
N CYS B 81 11.60 -2.05 16.30
CA CYS B 81 11.72 -1.25 15.10
C CYS B 81 11.66 0.21 15.57
N ARG B 82 12.63 1.01 15.17
CA ARG B 82 12.68 2.41 15.58
C ARG B 82 12.42 3.25 14.35
N VAL B 83 11.42 4.12 14.44
CA VAL B 83 11.01 4.96 13.31
C VAL B 83 11.18 6.47 13.58
N LYS B 84 12.00 7.13 12.77
CA LYS B 84 12.16 8.57 12.94
C LYS B 84 11.42 9.26 11.80
N HIS B 85 10.51 10.17 12.15
CA HIS B 85 9.69 10.88 11.16
C HIS B 85 9.33 12.30 11.63
N ASP B 86 9.26 13.26 10.70
CA ASP B 86 8.92 14.65 11.07
C ASP B 86 7.62 14.84 11.83
N SER B 87 6.73 13.85 11.80
CA SER B 87 5.47 13.99 12.52
C SER B 87 5.63 13.84 14.04
N MET B 88 6.74 13.26 14.47
CA MET B 88 6.99 13.00 15.90
C MET B 88 8.17 13.79 16.43
N ALA B 89 8.06 14.24 17.67
CA ALA B 89 9.12 15.04 18.28
C ALA B 89 10.35 14.19 18.53
N GLU B 90 10.14 12.89 18.71
CA GLU B 90 11.24 11.97 18.95
C GLU B 90 11.02 10.63 18.26
N PRO B 91 12.10 9.87 18.04
CA PRO B 91 12.02 8.55 17.39
C PRO B 91 11.08 7.61 18.16
N LYS B 92 10.24 6.87 17.43
CA LYS B 92 9.31 5.93 18.05
C LYS B 92 9.85 4.51 17.96
N THR B 93 9.83 3.80 19.07
CA THR B 93 10.33 2.45 19.14
C THR B 93 9.21 1.49 19.49
N VAL B 94 8.96 0.50 18.63
CA VAL B 94 7.92 -0.48 18.88
C VAL B 94 8.56 -1.86 19.01
N TYR B 95 8.30 -2.53 20.14
CA TYR B 95 8.86 -3.85 20.40
C TYR B 95 8.12 -4.99 19.75
N TRP B 96 8.88 -6.01 19.36
CA TRP B 96 8.26 -7.16 18.76
C TRP B 96 7.56 -7.92 19.88
N ASP B 97 6.32 -8.29 19.64
CA ASP B 97 5.55 -9.05 20.60
C ASP B 97 5.03 -10.28 19.88
N ARG B 98 5.60 -11.44 20.19
CA ARG B 98 5.18 -12.65 19.50
C ARG B 98 3.69 -12.95 19.63
N ASP B 99 2.98 -12.30 20.54
CA ASP B 99 1.56 -12.57 20.64
C ASP B 99 0.74 -11.68 19.74
N MET B 100 1.42 -10.86 18.93
CA MET B 100 0.77 -9.92 18.01
C MET B 100 1.29 -10.00 16.56
N SER C 1 0.26 -0.36 -18.88
CA SER C 1 0.80 0.77 -19.69
C SER C 1 0.32 2.07 -19.05
N GLY C 2 1.26 2.85 -18.52
CA GLY C 2 0.89 4.10 -17.87
C GLY C 2 0.39 5.22 -18.75
N VAL C 3 -0.29 6.18 -18.11
CA VAL C 3 -0.85 7.34 -18.78
C VAL C 3 0.26 8.37 -19.03
N GLU C 4 0.05 9.26 -19.99
CA GLU C 4 1.04 10.29 -20.25
C GLU C 4 0.32 11.62 -20.12
N ASN C 5 0.68 12.40 -19.11
CA ASN C 5 0.04 13.69 -18.88
C ASN C 5 0.39 14.64 -20.01
N PRO C 6 -0.62 15.24 -20.65
CA PRO C 6 -0.40 16.16 -21.76
C PRO C 6 0.67 17.19 -21.46
N GLY C 7 1.68 17.26 -22.33
CA GLY C 7 2.78 18.17 -22.14
C GLY C 7 2.45 19.61 -21.85
N GLY C 8 1.48 20.18 -22.56
CA GLY C 8 1.12 21.57 -22.33
C GLY C 8 -0.05 21.77 -21.37
N TYR C 9 -0.26 20.77 -20.51
CA TYR C 9 -1.35 20.84 -19.55
C TYR C 9 -0.91 20.59 -18.13
N CYS C 10 0.00 21.41 -17.60
CA CYS C 10 0.45 21.23 -16.23
C CYS C 10 -0.54 21.85 -15.25
N LEU C 11 -0.37 21.57 -13.96
CA LEU C 11 -1.26 22.12 -12.95
C LEU C 11 -1.12 23.66 -12.94
#